data_3FNG
#
_entry.id   3FNG
#
_cell.length_a   90.048
_cell.length_b   90.048
_cell.length_c   183.888
_cell.angle_alpha   90.00
_cell.angle_beta   90.00
_cell.angle_gamma   90.00
#
_symmetry.space_group_name_H-M   'I 41 2 2'
#
loop_
_entity.id
_entity.type
_entity.pdbx_description
1 polymer 'Enoyl-[acyl-carrier-protein] reductase [NADH]'
2 non-polymer NICOTINAMIDE-ADENINE-DINUCLEOTIDE
3 non-polymer 5-(cyclohexylmethyl)-2-(2,4-dichlorophenoxy)phenol
4 water water
#
_entity_poly.entity_id   1
_entity_poly.type   'polypeptide(L)'
_entity_poly.pdbx_seq_one_letter_code
;MTGLLDGKRILVSGIITDSSIAFHIARVAQEQGAQLVLTGFDRLRLIQRITDRLPAKAPLLELDVQNEEHLASLAGRVTE
AIGAGNKLDGVVHSIGFMPQTGMGINPFFDAPYADVSKGIHISAYSYASMAKALLPIMNPGGSIVGMDFDPSRAMPAYNW
MTVAKSALESVNRFVAREAGKYGVRSNLVAAGPIRTLAMSAIVGGALGEEAGAQIQLLEEGWDQRAPIGWNMKDATPVAK
TVCALLSDWLPATTGDIIYADGGAHTQLL
;
_entity_poly.pdbx_strand_id   A
#
loop_
_chem_comp.id
_chem_comp.type
_chem_comp.name
_chem_comp.formula
JPL non-polymer 5-(cyclohexylmethyl)-2-(2,4-dichlorophenoxy)phenol 'C19 H20 Cl2 O2'
NAD non-polymer NICOTINAMIDE-ADENINE-DINUCLEOTIDE 'C21 H27 N7 O14 P2'
#
# COMPACT_ATOMS: atom_id res chain seq x y z
N THR A 2 7.80 -20.80 -15.32
CA THR A 2 7.01 -20.10 -14.26
C THR A 2 7.18 -18.60 -14.33
N GLY A 3 7.14 -17.94 -13.18
CA GLY A 3 7.11 -16.49 -13.12
C GLY A 3 5.69 -16.05 -13.40
N LEU A 4 4.94 -15.82 -12.33
CA LEU A 4 3.58 -15.30 -12.42
C LEU A 4 3.59 -13.94 -13.08
N LEU A 5 4.68 -13.20 -12.88
CA LEU A 5 4.82 -11.83 -13.36
C LEU A 5 5.95 -11.72 -14.38
N ASP A 6 6.24 -12.82 -15.07
CA ASP A 6 7.32 -12.82 -16.05
C ASP A 6 7.20 -11.74 -17.12
N GLY A 7 8.25 -10.95 -17.25
CA GLY A 7 8.33 -9.93 -18.29
C GLY A 7 7.70 -8.61 -17.89
N LYS A 8 7.03 -8.60 -16.73
CA LYS A 8 6.30 -7.40 -16.31
C LYS A 8 7.23 -6.39 -15.65
N ARG A 9 7.00 -5.13 -15.96
CA ARG A 9 7.70 -4.05 -15.30
C ARG A 9 6.77 -3.38 -14.31
N ILE A 10 7.20 -3.36 -13.05
CA ILE A 10 6.36 -2.94 -11.93
C ILE A 10 7.09 -1.94 -11.01
N LEU A 11 6.45 -0.80 -10.76
CA LEU A 11 6.92 0.22 -9.81
C LEU A 11 6.34 -0.11 -8.44
N VAL A 12 7.20 -0.18 -7.41
CA VAL A 12 6.75 -0.46 -6.05
C VAL A 12 7.18 0.67 -5.14
N SER A 13 6.20 1.40 -4.59
CA SER A 13 6.45 2.43 -3.59
C SER A 13 6.31 1.83 -2.18
N GLY A 14 6.70 2.61 -1.16
CA GLY A 14 6.45 2.26 0.24
C GLY A 14 7.43 1.39 1.03
N ILE A 15 8.57 1.00 0.44
CA ILE A 15 9.60 0.30 1.25
C ILE A 15 10.28 1.27 2.23
N ILE A 16 10.30 0.91 3.50
CA ILE A 16 11.07 1.64 4.52
C ILE A 16 11.98 0.71 5.35
N THR A 17 11.48 -0.48 5.69
CA THR A 17 12.29 -1.50 6.36
C THR A 17 12.02 -2.81 5.67
N ASP A 18 12.59 -3.89 6.18
CA ASP A 18 12.35 -5.22 5.60
C ASP A 18 11.07 -5.85 6.17
N SER A 19 10.37 -5.14 7.04
CA SER A 19 9.07 -5.62 7.53
C SER A 19 7.95 -4.99 6.73
N SER A 20 8.31 -4.01 5.89
CA SER A 20 7.37 -3.22 5.08
C SER A 20 6.58 -4.14 4.20
N ILE A 21 5.27 -3.91 4.11
CA ILE A 21 4.46 -4.72 3.23
C ILE A 21 5.05 -4.65 1.82
N ALA A 22 5.43 -3.45 1.40
CA ALA A 22 6.01 -3.19 0.08
C ALA A 22 7.28 -4.02 -0.13
N PHE A 23 8.03 -4.23 0.96
CA PHE A 23 9.23 -5.06 0.85
C PHE A 23 8.92 -6.47 0.39
N HIS A 24 7.95 -7.11 1.05
CA HIS A 24 7.53 -8.47 0.67
C HIS A 24 6.79 -8.51 -0.67
N ILE A 25 6.04 -7.46 -0.99
CA ILE A 25 5.46 -7.39 -2.34
C ILE A 25 6.61 -7.38 -3.38
N ALA A 26 7.60 -6.54 -3.20
CA ALA A 26 8.75 -6.47 -4.14
C ALA A 26 9.45 -7.82 -4.24
N ARG A 27 9.70 -8.43 -3.08
CA ARG A 27 10.44 -9.67 -3.01
C ARG A 27 9.72 -10.74 -3.82
N VAL A 28 8.47 -11.03 -3.46
CA VAL A 28 7.68 -12.03 -4.18
C VAL A 28 7.58 -11.72 -5.68
N ALA A 29 7.42 -10.44 -6.04
CA ALA A 29 7.33 -10.02 -7.45
C ALA A 29 8.60 -10.38 -8.22
N GLN A 30 9.76 -10.05 -7.63
CA GLN A 30 11.05 -10.51 -8.16
C GLN A 30 11.13 -12.04 -8.24
N GLU A 31 10.80 -12.75 -7.17
CA GLU A 31 10.75 -14.23 -7.24
C GLU A 31 9.90 -14.71 -8.40
N GLN A 32 8.91 -13.90 -8.80
CA GLN A 32 8.01 -14.27 -9.90
C GLN A 32 8.37 -13.64 -11.23
N GLY A 33 9.57 -13.06 -11.34
CA GLY A 33 10.11 -12.69 -12.65
C GLY A 33 9.84 -11.26 -13.05
N ALA A 34 9.21 -10.48 -12.18
CA ALA A 34 9.00 -9.07 -12.49
C ALA A 34 10.33 -8.34 -12.45
N GLN A 35 10.42 -7.29 -13.26
CA GLN A 35 11.50 -6.33 -13.18
C GLN A 35 10.96 -5.07 -12.51
N LEU A 36 11.60 -4.65 -11.43
CA LEU A 36 11.09 -3.55 -10.60
C LEU A 36 11.77 -2.21 -10.73
N VAL A 37 10.99 -1.15 -10.50
CA VAL A 37 11.49 0.18 -10.18
C VAL A 37 10.91 0.49 -8.79
N LEU A 38 11.73 0.96 -7.86
CA LEU A 38 11.22 1.30 -6.51
C LEU A 38 11.23 2.80 -6.24
N THR A 39 10.32 3.26 -5.39
CA THR A 39 10.40 4.64 -4.88
C THR A 39 10.46 4.61 -3.37
N GLY A 40 11.11 5.61 -2.80
CA GLY A 40 11.30 5.68 -1.36
C GLY A 40 11.14 7.13 -0.97
N PHE A 41 10.84 7.39 0.30
CA PHE A 41 10.45 8.74 0.71
C PHE A 41 11.53 9.62 1.38
N ASP A 42 11.85 9.42 2.65
CA ASP A 42 12.72 10.48 3.22
C ASP A 42 14.18 10.07 3.28
N ARG A 43 14.41 8.87 3.81
CA ARG A 43 15.73 8.36 4.13
C ARG A 43 16.14 7.46 3.01
N LEU A 44 16.45 8.04 1.85
CA LEU A 44 16.73 7.24 0.68
C LEU A 44 17.94 6.34 0.87
N ARG A 45 18.93 6.79 1.64
CA ARG A 45 20.09 5.94 1.87
C ARG A 45 19.77 4.80 2.82
N LEU A 46 18.97 5.11 3.86
CA LEU A 46 18.37 4.07 4.69
C LEU A 46 17.56 3.10 3.82
N ILE A 47 16.66 3.63 2.98
CA ILE A 47 15.86 2.76 2.10
C ILE A 47 16.74 1.90 1.18
N GLN A 48 17.79 2.49 0.62
CA GLN A 48 18.70 1.73 -0.25
C GLN A 48 19.34 0.50 0.42
N ARG A 49 19.73 0.64 1.69
CA ARG A 49 20.27 -0.51 2.45
C ARG A 49 19.28 -1.67 2.48
N ILE A 50 18.01 -1.34 2.73
CA ILE A 50 16.95 -2.34 2.75
C ILE A 50 16.75 -2.96 1.38
N THR A 51 16.58 -2.10 0.37
CA THR A 51 16.30 -2.61 -0.97
C THR A 51 17.46 -3.41 -1.55
N ASP A 52 18.67 -3.20 -1.04
CA ASP A 52 19.82 -4.04 -1.44
C ASP A 52 19.68 -5.51 -1.04
N ARG A 53 18.80 -5.83 -0.08
CA ARG A 53 18.57 -7.24 0.27
C ARG A 53 17.45 -7.95 -0.48
N LEU A 54 16.83 -7.25 -1.43
CA LEU A 54 15.90 -7.86 -2.39
C LEU A 54 16.68 -8.86 -3.25
N PRO A 55 16.01 -9.93 -3.74
CA PRO A 55 16.68 -10.93 -4.62
C PRO A 55 17.41 -10.35 -5.85
N ALA A 56 16.98 -9.19 -6.34
CA ALA A 56 17.60 -8.58 -7.53
C ALA A 56 17.75 -7.08 -7.41
N LYS A 57 18.59 -6.50 -8.27
CA LYS A 57 18.82 -5.05 -8.31
C LYS A 57 17.59 -4.35 -8.88
N ALA A 58 17.33 -3.14 -8.39
CA ALA A 58 16.25 -2.34 -8.95
C ALA A 58 16.58 -0.88 -8.78
N PRO A 59 16.32 -0.07 -9.82
CA PRO A 59 16.48 1.38 -9.65
C PRO A 59 15.57 1.88 -8.53
N LEU A 60 16.10 2.77 -7.70
CA LEU A 60 15.33 3.32 -6.59
C LEU A 60 15.31 4.81 -6.83
N LEU A 61 14.11 5.38 -6.82
CA LEU A 61 13.93 6.80 -7.10
C LEU A 61 13.30 7.43 -5.88
N GLU A 62 13.46 8.74 -5.73
CA GLU A 62 12.87 9.44 -4.59
C GLU A 62 11.47 9.90 -4.97
N LEU A 63 10.51 9.71 -4.06
CA LEU A 63 9.16 10.23 -4.28
C LEU A 63 8.53 10.56 -2.96
N ASP A 64 8.46 11.86 -2.69
CA ASP A 64 7.62 12.43 -1.68
C ASP A 64 6.32 12.81 -2.37
N VAL A 65 5.30 12.05 -2.04
CA VAL A 65 4.00 12.14 -2.67
C VAL A 65 3.33 13.50 -2.42
N GLN A 66 3.83 14.26 -1.45
CA GLN A 66 3.35 15.64 -1.23
C GLN A 66 4.10 16.67 -2.10
N ASN A 67 5.06 16.19 -2.88
CA ASN A 67 5.96 17.09 -3.62
C ASN A 67 5.59 17.14 -5.12
N GLU A 68 5.01 18.25 -5.57
CA GLU A 68 4.52 18.31 -6.96
C GLU A 68 5.61 18.23 -8.01
N GLU A 69 6.83 18.64 -7.66
CA GLU A 69 7.98 18.46 -8.54
C GLU A 69 8.37 17.00 -8.67
N HIS A 70 8.39 16.26 -7.55
CA HIS A 70 8.64 14.81 -7.60
C HIS A 70 7.61 14.10 -8.48
N LEU A 71 6.35 14.52 -8.35
CA LEU A 71 5.24 13.94 -9.11
C LEU A 71 5.34 14.31 -10.61
N ALA A 72 5.48 15.59 -10.87
CA ALA A 72 5.69 16.11 -12.23
C ALA A 72 6.83 15.42 -13.00
N SER A 73 7.88 15.02 -12.29
CA SER A 73 9.05 14.43 -12.94
C SER A 73 9.03 12.90 -12.99
N LEU A 74 8.10 12.29 -12.24
CA LEU A 74 8.12 10.84 -11.98
C LEU A 74 8.12 10.01 -13.24
N ALA A 75 7.23 10.32 -14.17
CA ALA A 75 7.10 9.42 -15.33
C ALA A 75 8.38 9.46 -16.18
N GLY A 76 8.94 10.65 -16.38
CA GLY A 76 10.22 10.81 -17.10
C GLY A 76 11.32 10.00 -16.43
N ARG A 77 11.41 10.13 -15.11
CA ARG A 77 12.42 9.42 -14.34
C ARG A 77 12.26 7.91 -14.41
N VAL A 78 11.01 7.44 -14.40
CA VAL A 78 10.75 6.00 -14.48
C VAL A 78 11.13 5.48 -15.86
N THR A 79 10.76 6.22 -16.91
CA THR A 79 11.07 5.79 -18.28
C THR A 79 12.59 5.80 -18.53
N GLU A 80 13.27 6.83 -18.02
CA GLU A 80 14.75 6.82 -17.95
C GLU A 80 15.25 5.50 -17.30
N ALA A 81 14.59 5.07 -16.23
CA ALA A 81 15.00 3.85 -15.51
C ALA A 81 14.72 2.53 -16.25
N ILE A 82 13.62 2.46 -16.98
CA ILE A 82 13.22 1.20 -17.64
C ILE A 82 13.59 1.19 -19.11
N GLY A 83 13.87 2.35 -19.66
CA GLY A 83 14.31 2.47 -21.05
C GLY A 83 13.25 3.11 -21.91
N ALA A 84 13.65 4.09 -22.70
CA ALA A 84 12.77 4.72 -23.69
C ALA A 84 12.05 3.62 -24.48
N GLY A 85 10.77 3.85 -24.74
CA GLY A 85 9.95 2.86 -25.46
C GLY A 85 9.46 1.69 -24.63
N ASN A 86 9.85 1.63 -23.36
CA ASN A 86 9.26 0.65 -22.43
C ASN A 86 8.27 1.33 -21.49
N LYS A 87 7.20 0.61 -21.16
CA LYS A 87 6.18 1.14 -20.26
C LYS A 87 5.99 0.20 -19.06
N LEU A 88 5.38 0.72 -18.01
CA LEU A 88 5.03 -0.06 -16.82
C LEU A 88 3.83 -0.96 -17.04
N ASP A 89 3.87 -2.15 -16.47
CA ASP A 89 2.73 -3.05 -16.44
C ASP A 89 2.02 -3.02 -15.08
N GLY A 90 2.72 -2.53 -14.07
CA GLY A 90 2.20 -2.54 -12.70
C GLY A 90 2.67 -1.35 -11.89
N VAL A 91 1.82 -0.95 -10.94
CA VAL A 91 2.13 0.10 -9.98
C VAL A 91 1.60 -0.32 -8.62
N VAL A 92 2.47 -0.33 -7.60
CA VAL A 92 2.04 -0.58 -6.22
C VAL A 92 2.17 0.69 -5.35
N HIS A 93 1.03 1.15 -4.83
CA HIS A 93 0.95 2.23 -3.86
C HIS A 93 0.89 1.52 -2.51
N SER A 94 1.93 1.69 -1.70
CA SER A 94 1.96 1.08 -0.39
C SER A 94 2.44 2.10 0.62
N ILE A 95 1.70 3.20 0.67
CA ILE A 95 2.11 4.33 1.46
C ILE A 95 0.97 4.85 2.31
N GLY A 96 1.29 5.23 3.54
CA GLY A 96 0.33 5.92 4.35
C GLY A 96 1.04 6.68 5.44
N PHE A 97 0.34 7.68 5.98
CA PHE A 97 0.85 8.43 7.11
C PHE A 97 -0.31 9.18 7.70
N MET A 98 -0.33 9.24 9.03
CA MET A 98 -1.23 10.13 9.73
C MET A 98 -0.46 10.65 10.95
N PRO A 99 -0.43 11.99 11.12
CA PRO A 99 0.23 12.56 12.30
C PRO A 99 -0.29 11.95 13.61
N GLN A 100 0.55 12.02 14.63
CA GLN A 100 0.24 11.39 15.91
C GLN A 100 -1.11 11.81 16.53
N THR A 101 -1.52 13.06 16.33
CA THR A 101 -2.81 13.55 16.84
C THR A 101 -4.05 12.81 16.28
N GLY A 102 -3.88 12.19 15.11
CA GLY A 102 -4.99 11.52 14.44
C GLY A 102 -5.18 10.04 14.79
N MET A 103 -4.37 9.53 15.72
CA MET A 103 -4.38 8.09 16.03
C MET A 103 -4.03 7.76 17.47
N GLY A 104 -4.18 6.48 17.80
CA GLY A 104 -3.68 5.93 19.07
C GLY A 104 -4.46 6.44 20.26
N ILE A 105 -3.77 7.10 21.17
CA ILE A 105 -4.48 7.59 22.34
C ILE A 105 -5.02 9.03 22.26
N ASN A 106 -4.61 9.86 21.27
CA ASN A 106 -5.18 11.24 21.14
C ASN A 106 -6.68 11.15 20.93
N PRO A 107 -7.45 11.89 21.75
CA PRO A 107 -8.89 11.92 21.49
C PRO A 107 -9.17 12.25 20.03
N PHE A 108 -10.11 11.51 19.45
CA PHE A 108 -10.59 11.76 18.08
C PHE A 108 -10.91 13.26 17.81
N PHE A 109 -11.63 13.91 18.72
CA PHE A 109 -12.01 15.33 18.55
C PHE A 109 -10.83 16.32 18.62
N ASP A 110 -9.69 15.87 19.11
CA ASP A 110 -8.57 16.79 19.36
C ASP A 110 -7.59 16.90 18.19
N ALA A 111 -7.81 16.15 17.12
CA ALA A 111 -6.96 16.24 15.93
C ALA A 111 -7.30 17.51 15.11
N PRO A 112 -6.32 18.43 14.95
CA PRO A 112 -6.62 19.62 14.14
C PRO A 112 -6.68 19.24 12.68
N TYR A 113 -7.53 19.93 11.91
CA TYR A 113 -7.68 19.56 10.51
C TYR A 113 -6.38 19.62 9.72
N ALA A 114 -5.46 20.50 10.11
CA ALA A 114 -4.16 20.57 9.44
C ALA A 114 -3.46 19.21 9.48
N ASP A 115 -3.58 18.52 10.60
CA ASP A 115 -2.99 17.18 10.75
C ASP A 115 -3.75 16.13 9.93
N VAL A 116 -5.07 16.14 10.06
CA VAL A 116 -5.96 15.20 9.32
C VAL A 116 -5.74 15.36 7.81
N SER A 117 -5.77 16.60 7.36
CA SER A 117 -5.57 16.92 5.96
C SER A 117 -4.28 16.34 5.41
N LYS A 118 -3.21 16.42 6.21
CA LYS A 118 -1.90 15.89 5.79
C LYS A 118 -1.97 14.38 5.58
N GLY A 119 -2.58 13.69 6.55
CA GLY A 119 -2.72 12.24 6.50
C GLY A 119 -3.55 11.79 5.31
N ILE A 120 -4.60 12.55 4.99
CA ILE A 120 -5.46 12.26 3.83
C ILE A 120 -4.70 12.50 2.51
N HIS A 121 -3.97 13.60 2.46
CA HIS A 121 -3.08 13.89 1.33
C HIS A 121 -2.21 12.64 1.06
N ILE A 122 -1.51 12.16 2.08
CA ILE A 122 -0.52 11.08 1.88
C ILE A 122 -1.17 9.70 1.67
N SER A 123 -2.24 9.44 2.43
CA SER A 123 -2.83 8.11 2.48
C SER A 123 -3.88 7.84 1.40
N ALA A 124 -4.60 8.88 0.97
CA ALA A 124 -5.71 8.74 0.02
C ALA A 124 -5.51 9.50 -1.31
N TYR A 125 -5.29 10.80 -1.24
CA TYR A 125 -5.16 11.64 -2.44
C TYR A 125 -4.02 11.19 -3.35
N SER A 126 -2.92 10.73 -2.75
CA SER A 126 -1.71 10.37 -3.49
C SER A 126 -1.91 9.13 -4.34
N TYR A 127 -2.93 8.33 -4.00
CA TYR A 127 -3.32 7.23 -4.88
C TYR A 127 -3.71 7.80 -6.26
N ALA A 128 -4.51 8.86 -6.24
CA ALA A 128 -4.90 9.51 -7.49
C ALA A 128 -3.70 10.22 -8.13
N SER A 129 -2.86 10.84 -7.32
CA SER A 129 -1.73 11.57 -7.89
C SER A 129 -0.68 10.63 -8.51
N MET A 130 -0.41 9.48 -7.88
CA MET A 130 0.42 8.46 -8.51
C MET A 130 -0.17 7.89 -9.81
N ALA A 131 -1.48 7.67 -9.83
CA ALA A 131 -2.15 7.22 -11.05
C ALA A 131 -2.07 8.26 -12.17
N LYS A 132 -2.29 9.52 -11.84
CA LYS A 132 -2.17 10.60 -12.82
C LYS A 132 -0.78 10.57 -13.48
N ALA A 133 0.27 10.48 -12.65
CA ALA A 133 1.66 10.53 -13.11
C ALA A 133 1.97 9.35 -13.99
N LEU A 134 1.49 8.18 -13.59
CA LEU A 134 2.00 6.94 -14.17
C LEU A 134 1.14 6.29 -15.24
N LEU A 135 -0.16 6.57 -15.25
CA LEU A 135 -1.03 6.02 -16.30
C LEU A 135 -0.53 6.33 -17.74
N PRO A 136 -0.11 7.59 -17.99
CA PRO A 136 0.44 7.86 -19.33
C PRO A 136 1.65 7.01 -19.71
N ILE A 137 2.27 6.31 -18.75
CA ILE A 137 3.33 5.32 -19.05
C ILE A 137 3.01 3.86 -18.69
N MET A 138 1.73 3.49 -18.72
CA MET A 138 1.35 2.09 -18.49
C MET A 138 0.80 1.40 -19.75
N ASN A 139 1.11 0.12 -19.88
CA ASN A 139 0.60 -0.73 -20.95
C ASN A 139 -0.83 -1.17 -20.71
N PRO A 140 -1.63 -1.31 -21.80
CA PRO A 140 -2.95 -1.95 -21.69
C PRO A 140 -2.80 -3.28 -20.97
N GLY A 141 -3.80 -3.65 -20.18
CA GLY A 141 -3.72 -4.88 -19.37
C GLY A 141 -2.93 -4.69 -18.09
N GLY A 142 -2.51 -3.45 -17.81
CA GLY A 142 -1.75 -3.13 -16.60
C GLY A 142 -2.59 -3.13 -15.33
N SER A 143 -1.93 -2.95 -14.19
CA SER A 143 -2.59 -3.07 -12.88
C SER A 143 -2.00 -2.08 -11.87
N ILE A 144 -2.87 -1.28 -11.25
CA ILE A 144 -2.47 -0.43 -10.14
C ILE A 144 -3.09 -1.04 -8.88
N VAL A 145 -2.28 -1.21 -7.84
CA VAL A 145 -2.77 -1.77 -6.57
C VAL A 145 -2.39 -0.84 -5.43
N GLY A 146 -3.33 -0.61 -4.51
CA GLY A 146 -3.02 0.11 -3.27
C GLY A 146 -3.36 -0.73 -2.04
N MET A 147 -2.88 -0.31 -0.87
CA MET A 147 -3.13 -1.06 0.40
C MET A 147 -4.19 -0.41 1.27
N ASP A 148 -5.10 -1.23 1.81
CA ASP A 148 -6.26 -0.74 2.55
C ASP A 148 -6.36 -1.51 3.86
N PHE A 149 -7.00 -0.89 4.84
CA PHE A 149 -7.38 -1.59 6.03
C PHE A 149 -8.87 -1.32 6.23
N ASP A 150 -9.67 -2.37 6.18
CA ASP A 150 -11.13 -2.26 6.11
C ASP A 150 -11.66 -1.18 7.06
N PRO A 151 -12.13 -0.03 6.53
CA PRO A 151 -12.63 1.05 7.36
C PRO A 151 -14.17 1.08 7.44
N SER A 152 -14.81 -0.03 7.11
CA SER A 152 -16.28 0.00 6.97
C SER A 152 -16.96 0.07 8.33
N ARG A 153 -16.20 -0.29 9.37
CA ARG A 153 -16.64 -0.10 10.75
C ARG A 153 -15.61 0.71 11.53
N ALA A 154 -16.06 1.48 12.49
CA ALA A 154 -15.13 2.18 13.37
C ALA A 154 -14.50 1.23 14.39
N MET A 155 -13.41 1.67 15.01
CA MET A 155 -12.66 0.80 15.91
C MET A 155 -11.75 1.67 16.78
N PRO A 156 -11.19 1.10 17.86
CA PRO A 156 -10.24 1.83 18.71
C PRO A 156 -8.96 2.16 17.95
N ALA A 157 -8.32 3.27 18.34
CA ALA A 157 -6.95 3.65 17.94
C ALA A 157 -6.75 4.08 16.49
N TYR A 158 -7.41 3.41 15.55
CA TYR A 158 -7.20 3.70 14.15
C TYR A 158 -7.71 5.10 13.79
N ASN A 159 -8.82 5.52 14.41
CA ASN A 159 -9.24 6.94 14.42
C ASN A 159 -9.27 7.59 13.05
N TRP A 160 -8.43 8.61 12.84
CA TRP A 160 -8.52 9.37 11.60
C TRP A 160 -7.94 8.67 10.38
N MET A 161 -7.01 7.74 10.58
CA MET A 161 -6.56 6.87 9.50
C MET A 161 -7.75 6.06 8.92
N THR A 162 -8.71 5.69 9.75
CA THR A 162 -9.91 4.99 9.25
C THR A 162 -10.60 5.86 8.26
N VAL A 163 -10.71 7.16 8.59
CA VAL A 163 -11.35 8.12 7.69
C VAL A 163 -10.56 8.24 6.39
N ALA A 164 -9.24 8.32 6.51
CA ALA A 164 -8.40 8.38 5.33
C ALA A 164 -8.54 7.11 4.45
N LYS A 165 -8.69 5.93 5.06
CA LYS A 165 -8.88 4.70 4.24
C LYS A 165 -10.25 4.66 3.57
N SER A 166 -11.28 5.15 4.27
CA SER A 166 -12.60 5.33 3.64
C SER A 166 -12.48 6.22 2.41
N ALA A 167 -11.79 7.36 2.55
CA ALA A 167 -11.53 8.22 1.39
C ALA A 167 -10.82 7.46 0.27
N LEU A 168 -9.77 6.71 0.63
CA LEU A 168 -9.00 5.91 -0.34
C LEU A 168 -9.88 4.94 -1.14
N GLU A 169 -10.76 4.25 -0.44
CA GLU A 169 -11.64 3.28 -1.12
C GLU A 169 -12.41 4.03 -2.18
N SER A 170 -12.85 5.24 -1.86
CA SER A 170 -13.61 6.07 -2.80
C SER A 170 -12.72 6.54 -3.96
N VAL A 171 -11.51 6.93 -3.61
CA VAL A 171 -10.54 7.35 -4.63
C VAL A 171 -10.23 6.26 -5.64
N ASN A 172 -10.00 5.04 -5.15
CA ASN A 172 -9.80 3.87 -5.96
C ASN A 172 -10.89 3.64 -6.99
N ARG A 173 -12.16 3.84 -6.60
CA ARG A 173 -13.26 3.66 -7.55
C ARG A 173 -13.20 4.68 -8.70
N PHE A 174 -12.84 5.92 -8.36
CA PHE A 174 -12.61 6.94 -9.40
C PHE A 174 -11.34 6.77 -10.22
N VAL A 175 -10.26 6.33 -9.58
CA VAL A 175 -9.05 5.99 -10.33
C VAL A 175 -9.37 4.91 -11.39
N ALA A 176 -10.13 3.88 -10.99
CA ALA A 176 -10.54 2.80 -11.92
C ALA A 176 -11.24 3.35 -13.19
N ARG A 177 -12.02 4.40 -13.03
CA ARG A 177 -12.70 5.01 -14.18
C ARG A 177 -11.68 5.63 -15.13
N GLU A 178 -10.67 6.30 -14.57
CA GLU A 178 -9.60 6.85 -15.40
C GLU A 178 -8.72 5.77 -16.00
N ALA A 179 -8.35 4.78 -15.19
CA ALA A 179 -7.40 3.73 -15.63
C ALA A 179 -8.01 2.86 -16.73
N GLY A 180 -9.32 2.67 -16.68
CA GLY A 180 -10.01 1.84 -17.67
C GLY A 180 -9.79 2.34 -19.07
N LYS A 181 -9.60 3.65 -19.21
CA LYS A 181 -9.35 4.29 -20.50
C LYS A 181 -8.00 3.85 -21.11
N TYR A 182 -7.12 3.35 -20.26
CA TYR A 182 -5.76 2.93 -20.64
C TYR A 182 -5.72 1.41 -20.70
N GLY A 183 -6.87 0.79 -20.43
CA GLY A 183 -6.94 -0.67 -20.34
C GLY A 183 -6.29 -1.15 -19.04
N VAL A 184 -6.28 -0.29 -18.03
CA VAL A 184 -5.58 -0.58 -16.77
C VAL A 184 -6.59 -0.76 -15.62
N ARG A 185 -6.30 -1.74 -14.76
CA ARG A 185 -7.11 -2.04 -13.56
C ARG A 185 -6.60 -1.27 -12.34
N SER A 186 -7.51 -0.91 -11.43
CA SER A 186 -7.15 -0.28 -10.16
C SER A 186 -7.89 -0.98 -9.04
N ASN A 187 -7.16 -1.49 -8.05
CA ASN A 187 -7.79 -2.22 -6.93
C ASN A 187 -7.04 -1.97 -5.64
N LEU A 188 -7.71 -2.23 -4.53
CA LEU A 188 -7.03 -2.26 -3.22
C LEU A 188 -6.96 -3.68 -2.68
N VAL A 189 -5.92 -3.94 -1.88
CA VAL A 189 -5.87 -5.14 -1.07
C VAL A 189 -6.06 -4.69 0.38
N ALA A 190 -7.16 -5.15 0.99
CA ALA A 190 -7.41 -4.88 2.40
C ALA A 190 -6.76 -5.99 3.23
N ALA A 191 -5.62 -5.66 3.84
CA ALA A 191 -4.86 -6.64 4.61
C ALA A 191 -5.30 -6.66 6.07
N GLY A 192 -5.19 -7.83 6.69
CA GLY A 192 -5.26 -7.94 8.13
C GLY A 192 -4.01 -7.30 8.72
N PRO A 193 -3.95 -7.19 10.06
CA PRO A 193 -2.80 -6.51 10.70
C PRO A 193 -1.46 -7.21 10.46
N ILE A 194 -0.43 -6.44 10.17
CA ILE A 194 0.91 -6.97 9.94
C ILE A 194 1.90 -6.17 10.78
N ARG A 195 2.80 -6.86 11.47
CA ARG A 195 3.84 -6.22 12.29
C ARG A 195 4.88 -5.51 11.43
N THR A 196 4.67 -4.22 11.30
CA THR A 196 5.33 -3.39 10.33
C THR A 196 5.85 -2.19 11.15
N LEU A 197 6.71 -1.35 10.60
CA LEU A 197 7.14 -0.13 11.32
C LEU A 197 5.95 0.78 11.64
N ALA A 198 5.08 0.96 10.65
CA ALA A 198 3.89 1.80 10.86
C ALA A 198 3.06 1.35 12.05
N MET A 199 2.71 0.07 12.19
CA MET A 199 1.92 -0.09 13.41
C MET A 199 2.63 -0.29 14.74
N SER A 200 3.94 -0.56 14.70
CA SER A 200 4.75 -0.56 15.91
C SER A 200 4.71 0.86 16.47
N ALA A 201 4.68 1.84 15.57
CA ALA A 201 4.52 3.23 15.94
C ALA A 201 3.34 3.37 16.88
N ILE A 202 2.12 3.09 16.42
CA ILE A 202 0.99 3.31 17.33
C ILE A 202 0.83 2.29 18.45
N VAL A 203 1.26 1.05 18.20
CA VAL A 203 1.35 0.06 19.27
C VAL A 203 2.27 0.61 20.38
N GLY A 204 3.44 1.13 19.98
CA GLY A 204 4.36 1.76 20.91
C GLY A 204 3.83 3.03 21.59
N GLY A 205 3.04 3.80 20.84
CA GLY A 205 2.45 5.06 21.33
C GLY A 205 1.42 4.94 22.43
N ALA A 206 0.88 3.74 22.63
CA ALA A 206 -0.15 3.51 23.66
C ALA A 206 0.25 2.49 24.73
N LEU A 207 1.56 2.44 25.03
CA LEU A 207 2.09 1.54 26.06
C LEU A 207 1.28 1.37 27.37
N GLY A 208 1.20 2.43 28.18
CA GLY A 208 0.52 2.31 29.46
C GLY A 208 -1.01 2.37 29.34
N GLU A 209 -1.50 2.54 28.12
CA GLU A 209 -2.80 3.17 27.91
C GLU A 209 -3.94 2.31 27.39
N GLU A 210 -5.16 2.77 27.69
CA GLU A 210 -6.40 2.20 27.16
C GLU A 210 -6.59 2.51 25.67
N ALA A 211 -5.58 2.16 24.87
CA ALA A 211 -5.71 2.10 23.41
C ALA A 211 -4.79 0.96 23.01
N GLY A 212 -3.71 0.80 23.79
CA GLY A 212 -2.79 -0.31 23.65
C GLY A 212 -3.48 -1.63 23.94
N ALA A 213 -4.28 -1.65 25.00
CA ALA A 213 -5.03 -2.85 25.37
C ALA A 213 -6.09 -3.18 24.29
N GLN A 214 -6.78 -2.14 23.82
CA GLN A 214 -7.78 -2.26 22.74
C GLN A 214 -7.15 -2.84 21.47
N ILE A 215 -5.94 -2.36 21.13
CA ILE A 215 -5.24 -2.84 19.93
C ILE A 215 -4.89 -4.32 20.06
N GLN A 216 -4.42 -4.70 21.24
CA GLN A 216 -4.15 -6.09 21.54
C GLN A 216 -5.42 -6.94 21.33
N LEU A 217 -6.55 -6.48 21.87
CA LEU A 217 -7.82 -7.20 21.69
C LEU A 217 -8.22 -7.31 20.22
N LEU A 218 -8.03 -6.22 19.47
CA LEU A 218 -8.33 -6.22 18.04
C LEU A 218 -7.51 -7.28 17.31
N GLU A 219 -6.20 -7.30 17.56
CA GLU A 219 -5.31 -8.30 16.96
C GLU A 219 -5.67 -9.75 17.29
N GLU A 220 -6.02 -10.02 18.54
CA GLU A 220 -6.33 -11.39 18.94
C GLU A 220 -7.62 -11.87 18.26
N GLY A 221 -8.57 -10.96 18.10
CA GLY A 221 -9.86 -11.27 17.48
C GLY A 221 -9.76 -11.63 16.01
N TRP A 222 -8.81 -11.00 15.32
CA TRP A 222 -8.54 -11.32 13.93
C TRP A 222 -8.21 -12.79 13.67
N ASP A 223 -7.18 -13.30 14.35
CA ASP A 223 -6.84 -14.70 14.18
C ASP A 223 -7.99 -15.58 14.66
N GLN A 224 -8.71 -15.14 15.69
CA GLN A 224 -9.86 -15.91 16.16
C GLN A 224 -10.98 -15.98 15.11
N ARG A 225 -11.36 -14.83 14.53
CA ARG A 225 -12.42 -14.72 13.50
C ARG A 225 -12.03 -15.44 12.19
N ALA A 226 -10.74 -15.37 11.81
CA ALA A 226 -10.31 -15.87 10.49
C ALA A 226 -10.47 -17.39 10.45
N PRO A 227 -11.31 -17.90 9.53
CA PRO A 227 -11.47 -19.35 9.40
C PRO A 227 -10.16 -20.10 9.09
N ILE A 228 -9.21 -19.45 8.42
CA ILE A 228 -7.90 -20.08 8.17
C ILE A 228 -6.81 -19.49 9.06
N GLY A 229 -7.21 -18.76 10.10
CA GLY A 229 -6.28 -18.06 10.96
C GLY A 229 -5.60 -16.86 10.30
N TRP A 230 -4.85 -16.11 11.12
CA TRP A 230 -4.14 -14.93 10.66
C TRP A 230 -2.84 -14.84 11.45
N ASN A 231 -1.73 -14.68 10.74
CA ASN A 231 -0.42 -14.56 11.36
C ASN A 231 0.14 -13.20 11.05
N MET A 232 0.05 -12.30 12.02
CA MET A 232 0.49 -10.91 11.87
C MET A 232 1.97 -10.76 11.61
N LYS A 233 2.72 -11.83 11.85
CA LYS A 233 4.17 -11.81 11.67
C LYS A 233 4.59 -12.22 10.24
N ASP A 234 3.63 -12.58 9.40
CA ASP A 234 3.91 -13.13 8.07
C ASP A 234 3.22 -12.27 7.01
N ALA A 235 4.01 -11.45 6.32
CA ALA A 235 3.46 -10.57 5.32
C ALA A 235 3.27 -11.25 3.97
N THR A 236 3.84 -12.44 3.78
CA THR A 236 3.82 -12.99 2.43
C THR A 236 2.41 -13.33 1.87
N PRO A 237 1.46 -13.82 2.70
CA PRO A 237 0.11 -14.01 2.12
C PRO A 237 -0.46 -12.72 1.52
N VAL A 238 -0.16 -11.57 2.12
CA VAL A 238 -0.61 -10.34 1.48
C VAL A 238 0.19 -9.95 0.24
N ALA A 239 1.51 -10.18 0.27
CA ALA A 239 2.35 -9.95 -0.90
C ALA A 239 1.87 -10.79 -2.08
N LYS A 240 1.55 -12.06 -1.83
CA LYS A 240 1.07 -12.94 -2.90
C LYS A 240 -0.23 -12.44 -3.52
N THR A 241 -1.10 -11.90 -2.67
CA THR A 241 -2.40 -11.35 -3.11
C THR A 241 -2.20 -10.17 -4.01
N VAL A 242 -1.26 -9.29 -3.65
CA VAL A 242 -0.95 -8.14 -4.48
C VAL A 242 -0.43 -8.62 -5.84
N CYS A 243 0.48 -9.58 -5.82
CA CYS A 243 1.02 -10.15 -7.06
C CYS A 243 -0.09 -10.78 -7.92
N ALA A 244 -1.05 -11.46 -7.29
CA ALA A 244 -2.23 -11.97 -8.02
C ALA A 244 -2.95 -10.86 -8.81
N LEU A 245 -3.15 -9.70 -8.17
CA LEU A 245 -3.81 -8.58 -8.83
C LEU A 245 -2.93 -7.92 -9.91
N LEU A 246 -1.62 -7.99 -9.71
CA LEU A 246 -0.65 -7.48 -10.70
C LEU A 246 -0.51 -8.41 -11.91
N SER A 247 -0.90 -9.67 -11.72
CA SER A 247 -0.84 -10.67 -12.80
C SER A 247 -2.02 -10.57 -13.78
N ASP A 248 -2.07 -11.51 -14.73
CA ASP A 248 -3.15 -11.53 -15.71
C ASP A 248 -4.32 -12.39 -15.21
N TRP A 249 -4.26 -12.82 -13.96
CA TRP A 249 -5.21 -13.83 -13.45
C TRP A 249 -6.47 -13.30 -12.79
N LEU A 250 -6.54 -11.98 -12.60
CA LEU A 250 -7.76 -11.30 -12.18
C LEU A 250 -8.07 -10.17 -13.17
N PRO A 251 -8.33 -10.54 -14.44
CA PRO A 251 -8.38 -9.53 -15.49
C PRO A 251 -9.70 -8.73 -15.54
N ALA A 252 -10.68 -9.18 -14.80
CA ALA A 252 -12.03 -8.62 -14.87
C ALA A 252 -12.39 -7.88 -13.58
N THR A 253 -11.38 -7.53 -12.77
CA THR A 253 -11.65 -6.97 -11.43
C THR A 253 -11.02 -5.61 -11.36
N THR A 254 -11.86 -4.60 -11.15
CA THR A 254 -11.36 -3.21 -11.04
C THR A 254 -12.28 -2.35 -10.20
N GLY A 255 -11.72 -1.27 -9.66
CA GLY A 255 -12.43 -0.37 -8.75
C GLY A 255 -12.77 -1.07 -7.45
N ASP A 256 -12.10 -2.18 -7.21
CA ASP A 256 -12.51 -3.15 -6.22
C ASP A 256 -11.51 -3.32 -5.07
N ILE A 257 -11.92 -4.11 -4.08
CA ILE A 257 -11.11 -4.39 -2.89
C ILE A 257 -11.03 -5.89 -2.70
N ILE A 258 -9.81 -6.40 -2.56
CA ILE A 258 -9.62 -7.84 -2.31
C ILE A 258 -9.15 -7.99 -0.86
N TYR A 259 -9.81 -8.86 -0.08
CA TYR A 259 -9.51 -8.99 1.34
C TYR A 259 -8.49 -10.10 1.56
N ALA A 260 -7.26 -9.72 1.93
CA ALA A 260 -6.24 -10.69 2.32
C ALA A 260 -6.12 -10.60 3.85
N ASP A 261 -7.07 -11.22 4.55
CA ASP A 261 -7.22 -11.02 5.97
C ASP A 261 -7.59 -12.33 6.71
N GLY A 262 -7.37 -13.47 6.05
CA GLY A 262 -7.67 -14.78 6.64
C GLY A 262 -9.16 -15.04 6.66
N GLY A 263 -9.92 -14.17 5.98
CA GLY A 263 -11.39 -14.24 6.02
C GLY A 263 -12.05 -13.66 7.26
N ALA A 264 -11.26 -12.97 8.09
CA ALA A 264 -11.79 -12.34 9.32
C ALA A 264 -13.00 -11.40 9.12
N HIS A 265 -12.95 -10.60 8.05
CA HIS A 265 -14.03 -9.64 7.78
C HIS A 265 -15.38 -10.31 7.47
N THR A 266 -15.37 -11.62 7.16
CA THR A 266 -16.61 -12.34 6.77
C THR A 266 -17.27 -13.05 7.97
N GLN A 267 -16.68 -12.88 9.15
CA GLN A 267 -17.11 -13.57 10.37
C GLN A 267 -17.36 -12.58 11.50
N LEU A 268 -18.45 -12.74 12.23
CA LEU A 268 -18.76 -11.83 13.35
C LEU A 268 -17.90 -12.24 14.53
N LEU A 269 -17.94 -13.54 14.82
CA LEU A 269 -16.91 -14.13 15.65
C LEU A 269 -16.73 -15.61 15.28
PA NAD B . 5.49 0.96 6.48
O1A NAD B . 5.94 1.87 7.55
O2A NAD B . 6.38 -0.20 6.20
O5B NAD B . 5.11 1.70 5.12
C5B NAD B . 4.60 3.01 5.03
C4B NAD B . 5.36 3.68 3.90
O4B NAD B . 4.74 4.92 3.59
C3B NAD B . 6.81 4.00 4.30
O3B NAD B . 7.70 3.51 3.33
C2B NAD B . 6.86 5.51 4.22
O2B NAD B . 8.12 5.97 3.79
C1B NAD B . 5.78 5.80 3.19
N9A NAD B . 5.41 7.22 3.19
C8A NAD B . 5.02 8.00 4.24
N7A NAD B . 4.82 9.26 3.77
C5A NAD B . 5.13 9.30 2.46
C6A NAD B . 5.13 10.30 1.49
N6A NAD B . 5.09 11.58 1.84
N1A NAD B . 5.50 10.00 0.21
C2A NAD B . 5.89 8.72 -0.15
N3A NAD B . 5.88 7.73 0.80
C4A NAD B . 5.51 8.01 2.08
O3 NAD B . 4.04 0.38 6.94
PN NAD B . 3.16 -0.70 6.12
O1N NAD B . 2.28 -1.28 7.17
O2N NAD B . 3.89 -1.63 5.23
O5D NAD B . 2.28 0.33 5.22
C5D NAD B . 1.99 0.15 3.85
C4D NAD B . 0.50 0.37 3.51
O4D NAD B . -0.25 -0.74 3.98
C3D NAD B . -0.15 1.60 4.14
O3D NAD B . -1.08 2.19 3.25
C2D NAD B . -0.95 1.04 5.30
O2D NAD B . -1.99 1.95 5.65
C1D NAD B . -1.40 -0.28 4.70
N1N NAD B . -1.85 -1.33 5.61
C2N NAD B . -1.04 -1.78 6.63
C3N NAD B . -1.50 -2.81 7.45
C7N NAD B . -0.59 -3.34 8.51
O7N NAD B . -1.20 -4.08 9.52
N7N NAD B . 0.74 -3.12 8.48
C4N NAD B . -2.77 -3.38 7.28
C5N NAD B . -3.56 -2.92 6.22
C6N NAD B . -3.09 -1.90 5.40
C2 JPL C . -2.46 0.61 8.80
C3 JPL C . -1.11 0.75 9.08
C4 JPL C . -0.54 -0.06 10.04
C5 JPL C . -1.31 -0.99 10.73
C7 JPL C . 0.89 3.71 8.16
C8 JPL C . 0.02 2.90 8.89
C9 JPL C . -0.47 3.33 10.13
C10 JPL C . -0.08 4.57 10.66
C11 JPL C . 0.80 5.41 9.96
C12 JPL C . 1.28 4.97 8.71
C15 JPL C . -5.54 -0.97 15.04
C16 JPL C . -4.67 -0.12 14.23
C18 JPL C . -3.47 -2.14 11.21
C19 JPL C . -4.72 -2.66 13.27
O2 JPL C . -3.02 1.41 7.86
C1 JPL C . -3.25 -0.31 9.49
C6 JPL C . -2.67 -1.11 10.46
C13 JPL C . -4.08 -1.73 12.53
C14 JPL C . -4.44 -2.26 14.95
C17 JPL C . -4.21 -0.43 12.98
O1 JPL C . -0.34 1.67 8.37
CL1 JPL C . 1.42 3.23 6.82
CL5 JPL C . 1.23 6.74 10.60
#